data_6F9O
#
_entry.id   6F9O
#
_cell.length_a   41.332
_cell.length_b   79.451
_cell.length_c   43.489
_cell.angle_alpha   90.00
_cell.angle_beta   94.98
_cell.angle_gamma   90.00
#
_symmetry.space_group_name_H-M   'P 1 21 1'
#
loop_
_entity.id
_entity.type
_entity.pdbx_description
1 polymer 'Haloalkane dehalogenase'
2 non-polymer 'CHLORIDE ION'
3 non-polymer DI(HYDROXYETHYL)ETHER
4 non-polymer 'SODIUM ION'
5 water water
#
_entity_poly.entity_id   1
_entity_poly.type   'polypeptide(L)'
_entity_poly.pdbx_seq_one_letter_code
;MKILRTPDSRFANLPDYNFDPHYLMVDDSEDSELRVHYLDEGPRDADPVLLLHGEPSWCYLYRKMIPILTAAGHRVIAPD
LPGFGRSDKPASRTDYTYQRHVNWMQSVLDQLDLNNITLFCQDWGGLIGLRLVAENPDRFARVAAGNTMLPTGDHDLGEG
FRKWQQFSQEIPQFHVGGTIKSGTVTKLSQAVIDAYNAPFPDESYKEGARQFPLLVPSTPDDPASENNRAAWIELSKWTK
PFITLFSDSDPVTAGGDRIMQKIIPGTKGQAHTTIANGGHFLQEDQGEKVAKLLVQFIHDNPRHHHHHH
;
_entity_poly.pdbx_strand_id   A
#
# COMPACT_ATOMS: atom_id res chain seq x y z
N MET A 1 -9.74 10.44 20.17
CA MET A 1 -10.35 10.43 18.80
C MET A 1 -11.57 9.56 18.80
N LYS A 2 -12.47 9.87 17.88
CA LYS A 2 -13.64 9.08 17.64
C LYS A 2 -13.47 8.33 16.33
N ILE A 3 -14.14 7.19 16.23
N ILE A 3 -14.04 7.13 16.25
CA ILE A 3 -14.03 6.35 15.05
CA ILE A 3 -14.01 6.38 14.99
C ILE A 3 -15.40 5.93 14.54
C ILE A 3 -15.41 6.04 14.51
N LEU A 4 -15.48 5.75 13.22
CA LEU A 4 -16.62 5.16 12.57
C LEU A 4 -16.27 3.77 12.07
N ARG A 5 -17.27 2.89 12.04
CA ARG A 5 -17.12 1.55 11.52
C ARG A 5 -18.15 1.35 10.42
N THR A 6 -17.69 0.96 9.23
CA THR A 6 -18.59 0.76 8.12
C THR A 6 -19.49 -0.47 8.37
N PRO A 7 -20.81 -0.34 8.19
CA PRO A 7 -21.68 -1.50 8.33
C PRO A 7 -21.28 -2.66 7.41
N ASP A 8 -21.36 -3.88 7.91
CA ASP A 8 -20.91 -5.02 7.14
C ASP A 8 -21.71 -5.30 5.89
N SER A 9 -22.97 -4.86 5.82
CA SER A 9 -23.74 -5.04 4.61
C SER A 9 -23.10 -4.38 3.41
N ARG A 10 -22.28 -3.35 3.61
CA ARG A 10 -21.62 -2.67 2.51
C ARG A 10 -20.69 -3.59 1.74
N PHE A 11 -20.17 -4.63 2.40
CA PHE A 11 -19.16 -5.50 1.80
C PHE A 11 -19.73 -6.78 1.22
N ALA A 12 -21.03 -6.85 1.05
CA ALA A 12 -21.67 -8.07 0.51
C ALA A 12 -21.41 -8.26 -0.96
N ASN A 13 -21.03 -9.46 -1.35
CA ASN A 13 -21.02 -9.87 -2.76
C ASN A 13 -20.30 -8.89 -3.70
N LEU A 14 -19.03 -8.63 -3.42
CA LEU A 14 -18.20 -7.74 -4.23
C LEU A 14 -17.51 -8.55 -5.32
N PRO A 15 -17.29 -7.96 -6.51
CA PRO A 15 -16.75 -8.77 -7.61
C PRO A 15 -15.35 -9.31 -7.31
N ASP A 16 -15.18 -10.62 -7.49
CA ASP A 16 -13.90 -11.30 -7.32
C ASP A 16 -13.29 -11.10 -5.93
N TYR A 17 -14.15 -11.00 -4.92
CA TYR A 17 -13.66 -10.86 -3.55
C TYR A 17 -14.47 -11.78 -2.65
N ASN A 18 -13.87 -12.79 -2.03
N ASN A 18 -13.78 -12.87 -2.29
CA ASN A 18 -14.62 -13.67 -1.14
CA ASN A 18 -14.23 -13.95 -1.42
C ASN A 18 -13.74 -14.08 0.02
C ASN A 18 -13.13 -14.20 -0.41
N PHE A 19 -12.85 -13.20 0.45
CA PHE A 19 -11.86 -13.45 1.47
C PHE A 19 -12.41 -13.17 2.87
N ASP A 20 -12.27 -14.13 3.77
CA ASP A 20 -12.79 -13.97 5.11
C ASP A 20 -12.04 -12.88 5.86
N PRO A 21 -12.75 -12.06 6.63
CA PRO A 21 -12.09 -10.99 7.37
C PRO A 21 -11.36 -11.48 8.61
N HIS A 22 -10.19 -10.92 8.85
CA HIS A 22 -9.48 -11.05 10.12
C HIS A 22 -9.37 -9.66 10.73
N TYR A 23 -9.24 -9.60 12.06
CA TYR A 23 -9.20 -8.33 12.75
C TYR A 23 -8.19 -8.32 13.88
N LEU A 24 -7.63 -7.16 14.16
N LEU A 24 -7.55 -7.16 14.05
CA LEU A 24 -6.85 -6.95 15.37
CA LEU A 24 -6.69 -6.79 15.19
C LEU A 24 -7.09 -5.50 15.78
C LEU A 24 -7.19 -5.50 15.78
N MET A 25 -6.81 -5.24 17.04
CA MET A 25 -6.95 -3.89 17.60
C MET A 25 -5.59 -3.24 17.67
N VAL A 26 -5.54 -1.94 17.36
CA VAL A 26 -4.32 -1.14 17.50
C VAL A 26 -4.60 0.07 18.39
N ASP A 27 -3.57 0.50 19.11
CA ASP A 27 -3.67 1.69 19.93
C ASP A 27 -3.97 2.89 19.01
N ASP A 28 -4.95 3.72 19.37
CA ASP A 28 -5.26 4.86 18.55
C ASP A 28 -4.35 6.08 18.83
N SER A 29 -3.47 5.95 19.83
CA SER A 29 -2.55 6.96 20.31
C SER A 29 -3.19 8.02 21.20
N GLU A 30 -4.52 7.96 21.36
CA GLU A 30 -5.31 8.89 22.17
C GLU A 30 -6.08 8.12 23.23
N ASP A 31 -5.41 7.17 23.85
CA ASP A 31 -5.94 6.44 24.99
C ASP A 31 -7.08 5.48 24.73
N SER A 32 -7.27 5.08 23.48
CA SER A 32 -8.19 4.03 23.16
C SER A 32 -7.60 3.17 22.06
N GLU A 33 -8.46 2.51 21.29
CA GLU A 33 -8.02 1.57 20.27
C GLU A 33 -9.00 1.58 19.13
N LEU A 34 -8.55 1.08 17.98
CA LEU A 34 -9.41 0.98 16.81
C LEU A 34 -9.11 -0.35 16.11
N ARG A 35 -10.05 -0.83 15.32
CA ARG A 35 -9.93 -2.15 14.69
C ARG A 35 -9.33 -2.03 13.28
N VAL A 36 -8.38 -2.90 13.01
CA VAL A 36 -7.76 -3.07 11.70
C VAL A 36 -8.24 -4.39 11.12
N HIS A 37 -8.80 -4.33 9.91
CA HIS A 37 -9.11 -5.50 9.11
C HIS A 37 -7.89 -5.92 8.28
N TYR A 38 -7.70 -7.22 8.13
CA TYR A 38 -6.71 -7.73 7.20
C TYR A 38 -7.12 -9.07 6.67
N LEU A 39 -6.59 -9.38 5.50
CA LEU A 39 -6.66 -10.71 4.91
C LEU A 39 -5.43 -11.49 5.30
N ASP A 40 -5.62 -12.79 5.51
CA ASP A 40 -4.52 -13.71 5.84
C ASP A 40 -4.85 -15.02 5.15
N GLU A 41 -4.18 -15.26 4.02
CA GLU A 41 -4.48 -16.31 3.06
CA GLU A 41 -4.48 -16.41 3.20
C GLU A 41 -3.24 -17.18 2.87
N GLY A 42 -3.43 -18.40 2.40
CA GLY A 42 -2.30 -19.25 2.03
C GLY A 42 -1.79 -20.05 3.21
N PRO A 43 -0.76 -20.85 2.99
CA PRO A 43 -0.29 -21.78 4.04
C PRO A 43 0.23 -21.05 5.28
N ARG A 44 -0.22 -21.52 6.44
CA ARG A 44 0.07 -20.85 7.70
C ARG A 44 1.54 -20.68 7.99
N ASP A 45 2.36 -21.62 7.56
CA ASP A 45 3.80 -21.63 7.85
C ASP A 45 4.67 -21.04 6.77
N ALA A 46 4.07 -20.65 5.65
CA ALA A 46 4.85 -20.10 4.56
C ALA A 46 5.32 -18.69 4.87
N ASP A 47 6.42 -18.29 4.24
CA ASP A 47 6.88 -16.93 4.41
C ASP A 47 5.78 -15.99 3.87
N PRO A 48 5.53 -14.88 4.57
CA PRO A 48 4.43 -13.99 4.19
C PRO A 48 4.84 -12.98 3.12
N VAL A 49 3.85 -12.69 2.27
CA VAL A 49 3.91 -11.60 1.29
C VAL A 49 2.92 -10.55 1.80
N LEU A 50 3.44 -9.38 2.12
CA LEU A 50 2.66 -8.27 2.69
C LEU A 50 2.30 -7.31 1.58
N LEU A 51 0.99 -7.18 1.33
CA LEU A 51 0.47 -6.31 0.26
C LEU A 51 -0.14 -5.09 0.89
N LEU A 52 0.53 -3.93 0.74
CA LEU A 52 0.04 -2.68 1.35
C LEU A 52 -0.61 -1.80 0.30
N HIS A 53 -1.83 -1.37 0.58
CA HIS A 53 -2.55 -0.44 -0.28
C HIS A 53 -2.27 0.98 0.16
N GLY A 54 -2.71 1.93 -0.68
CA GLY A 54 -2.61 3.34 -0.35
C GLY A 54 -3.91 4.10 -0.57
N GLU A 55 -3.78 5.34 -0.97
CA GLU A 55 -4.88 6.27 -1.16
C GLU A 55 -5.61 6.04 -2.45
N PRO A 56 -6.96 6.14 -2.51
CA PRO A 56 -7.95 5.92 -1.48
C PRO A 56 -8.53 4.51 -1.67
N SER A 57 -7.67 3.50 -1.64
CA SER A 57 -8.05 2.12 -1.97
C SER A 57 -8.21 1.30 -0.69
N TRP A 58 -8.27 -0.02 -0.85
CA TRP A 58 -8.28 -0.94 0.28
C TRP A 58 -7.79 -2.28 -0.25
N CYS A 59 -7.82 -3.32 0.59
CA CYS A 59 -7.25 -4.60 0.19
C CYS A 59 -7.96 -5.23 -1.00
N TYR A 60 -9.18 -4.79 -1.31
CA TYR A 60 -9.88 -5.16 -2.53
C TYR A 60 -9.02 -4.95 -3.76
N LEU A 61 -8.16 -3.92 -3.75
CA LEU A 61 -7.25 -3.63 -4.84
C LEU A 61 -6.36 -4.84 -5.18
N TYR A 62 -6.08 -5.66 -4.17
CA TYR A 62 -5.20 -6.82 -4.33
C TYR A 62 -5.92 -8.11 -4.69
N ARG A 63 -7.23 -8.07 -4.89
CA ARG A 63 -7.99 -9.31 -5.01
C ARG A 63 -7.57 -10.21 -6.19
N LYS A 64 -7.05 -9.64 -7.27
CA LYS A 64 -6.63 -10.43 -8.42
C LYS A 64 -5.23 -11.03 -8.21
N MET A 65 -4.47 -10.44 -7.31
CA MET A 65 -3.11 -10.88 -7.01
C MET A 65 -3.09 -12.01 -5.99
N ILE A 66 -3.96 -11.94 -4.98
CA ILE A 66 -3.89 -12.88 -3.88
C ILE A 66 -3.99 -14.34 -4.31
N PRO A 67 -4.94 -14.72 -5.19
CA PRO A 67 -5.02 -16.15 -5.52
C PRO A 67 -3.82 -16.67 -6.24
N ILE A 68 -3.19 -15.86 -7.08
CA ILE A 68 -1.97 -16.27 -7.77
C ILE A 68 -0.85 -16.55 -6.76
N LEU A 69 -0.71 -15.65 -5.79
CA LEU A 69 0.29 -15.80 -4.76
C LEU A 69 0.03 -17.06 -3.92
N THR A 70 -1.20 -17.26 -3.46
CA THR A 70 -1.45 -18.41 -2.61
C THR A 70 -1.37 -19.71 -3.38
N ALA A 71 -1.75 -19.71 -4.67
CA ALA A 71 -1.60 -20.92 -5.48
C ALA A 71 -0.16 -21.35 -5.61
N ALA A 72 0.76 -20.38 -5.57
CA ALA A 72 2.17 -20.66 -5.59
C ALA A 72 2.77 -20.97 -4.21
N GLY A 73 1.92 -21.09 -3.19
CA GLY A 73 2.33 -21.52 -1.86
C GLY A 73 2.65 -20.42 -0.89
N HIS A 74 2.44 -19.15 -1.25
CA HIS A 74 2.75 -18.04 -0.37
C HIS A 74 1.63 -17.76 0.61
N ARG A 75 2.03 -17.42 1.83
CA ARG A 75 1.10 -16.75 2.75
C ARG A 75 0.99 -15.29 2.35
N VAL A 76 -0.22 -14.74 2.42
CA VAL A 76 -0.47 -13.36 2.01
C VAL A 76 -1.17 -12.63 3.14
N ILE A 77 -0.61 -11.46 3.50
CA ILE A 77 -1.24 -10.55 4.47
C ILE A 77 -1.59 -9.28 3.73
N ALA A 78 -2.84 -8.85 3.78
CA ALA A 78 -3.27 -7.64 3.08
C ALA A 78 -4.14 -6.82 4.04
N PRO A 79 -3.54 -5.88 4.76
CA PRO A 79 -4.29 -5.09 5.75
C PRO A 79 -4.95 -3.88 5.10
N ASP A 80 -6.01 -3.40 5.75
CA ASP A 80 -6.63 -2.14 5.42
C ASP A 80 -6.13 -1.08 6.38
N LEU A 81 -5.61 0.01 5.83
CA LEU A 81 -5.17 1.11 6.66
C LEU A 81 -6.38 1.70 7.40
N PRO A 82 -6.23 2.13 8.67
CA PRO A 82 -7.30 2.89 9.31
C PRO A 82 -7.71 4.06 8.43
N GLY A 83 -9.02 4.23 8.32
CA GLY A 83 -9.60 5.17 7.36
C GLY A 83 -10.15 4.52 6.10
N PHE A 84 -9.86 3.23 5.89
CA PHE A 84 -10.07 2.62 4.60
C PHE A 84 -10.62 1.21 4.75
N GLY A 85 -11.25 0.71 3.67
CA GLY A 85 -11.61 -0.70 3.63
C GLY A 85 -12.54 -1.08 4.75
N ARG A 86 -12.25 -2.22 5.36
CA ARG A 86 -13.04 -2.71 6.49
C ARG A 86 -12.46 -2.33 7.83
N SER A 87 -11.41 -1.49 7.85
CA SER A 87 -10.86 -1.00 9.10
C SER A 87 -11.72 0.13 9.66
N ASP A 88 -11.57 0.36 10.97
CA ASP A 88 -12.20 1.52 11.59
C ASP A 88 -11.59 2.80 11.01
N LYS A 89 -12.38 3.88 11.13
CA LYS A 89 -12.10 5.13 10.41
C LYS A 89 -12.19 6.30 11.36
N PRO A 90 -11.07 6.83 11.84
CA PRO A 90 -11.08 8.06 12.62
C PRO A 90 -11.97 9.11 11.96
N ALA A 91 -12.71 9.83 12.79
CA ALA A 91 -13.78 10.69 12.35
C ALA A 91 -13.36 12.10 11.93
N SER A 92 -12.12 12.49 12.21
N SER A 92 -12.14 12.51 12.21
CA SER A 92 -11.65 13.80 11.81
CA SER A 92 -11.67 13.83 11.81
C SER A 92 -10.39 13.69 10.96
C SER A 92 -10.44 13.65 10.95
N ARG A 93 -10.32 14.48 9.91
CA ARG A 93 -9.13 14.46 9.05
C ARG A 93 -7.85 14.71 9.83
N THR A 94 -7.92 15.53 10.89
CA THR A 94 -6.73 15.79 11.69
C THR A 94 -6.27 14.61 12.54
N ASP A 95 -7.06 13.55 12.63
CA ASP A 95 -6.65 12.35 13.32
C ASP A 95 -5.58 11.56 12.56
N TYR A 96 -5.48 11.79 11.25
CA TYR A 96 -4.59 11.01 10.40
C TYR A 96 -3.27 11.76 10.24
N THR A 97 -2.17 11.08 10.57
CA THR A 97 -0.82 11.61 10.36
C THR A 97 0.04 10.51 9.77
N TYR A 98 1.14 10.89 9.13
CA TYR A 98 2.07 9.92 8.60
C TYR A 98 2.57 9.00 9.71
N GLN A 99 2.99 9.59 10.83
CA GLN A 99 3.54 8.76 11.89
C GLN A 99 2.49 7.78 12.43
N ARG A 100 1.24 8.23 12.59
CA ARG A 100 0.21 7.32 13.06
C ARG A 100 0.01 6.16 12.09
N HIS A 101 -0.01 6.45 10.80
CA HIS A 101 -0.16 5.37 9.82
C HIS A 101 0.98 4.36 9.91
N VAL A 102 2.23 4.86 10.07
CA VAL A 102 3.36 3.95 10.25
C VAL A 102 3.18 3.12 11.50
N ASN A 103 2.80 3.76 12.60
CA ASN A 103 2.66 3.04 13.85
C ASN A 103 1.54 2.00 13.80
N TRP A 104 0.45 2.30 13.12
CA TRP A 104 -0.64 1.36 13.01
C TRP A 104 -0.22 0.10 12.23
N MET A 105 0.49 0.28 11.12
CA MET A 105 1.01 -0.88 10.40
C MET A 105 2.16 -1.60 11.13
N GLN A 106 2.97 -0.85 11.87
CA GLN A 106 3.97 -1.50 12.73
C GLN A 106 3.28 -2.42 13.72
N SER A 107 2.16 -2.01 14.26
CA SER A 107 1.44 -2.84 15.23
C SER A 107 0.94 -4.12 14.59
N VAL A 108 0.52 -4.06 13.32
CA VAL A 108 0.17 -5.26 12.58
C VAL A 108 1.37 -6.21 12.50
N LEU A 109 2.53 -5.69 12.11
CA LEU A 109 3.73 -6.52 12.02
C LEU A 109 4.01 -7.18 13.37
N ASP A 110 3.92 -6.40 14.43
CA ASP A 110 4.29 -6.87 15.77
C ASP A 110 3.31 -7.90 16.27
N GLN A 111 2.02 -7.64 16.13
CA GLN A 111 1.03 -8.55 16.65
C GLN A 111 0.97 -9.87 15.87
N LEU A 112 1.15 -9.81 14.57
CA LEU A 112 1.20 -11.01 13.76
C LEU A 112 2.57 -11.69 13.78
N ASP A 113 3.56 -11.01 14.35
CA ASP A 113 4.97 -11.41 14.37
C ASP A 113 5.41 -11.86 12.99
N LEU A 114 5.24 -10.96 12.01
CA LEU A 114 5.63 -11.28 10.63
C LEU A 114 7.14 -11.19 10.47
N ASN A 115 7.71 -12.21 9.84
CA ASN A 115 9.14 -12.26 9.54
C ASN A 115 9.30 -12.82 8.15
N ASN A 116 10.49 -12.65 7.61
CA ASN A 116 10.78 -13.13 6.26
C ASN A 116 9.81 -12.58 5.25
N ILE A 117 9.45 -11.33 5.40
CA ILE A 117 8.37 -10.73 4.61
C ILE A 117 8.89 -10.34 3.23
N THR A 118 8.08 -10.62 2.20
CA THR A 118 8.23 -9.95 0.90
C THR A 118 7.17 -8.86 0.85
N LEU A 119 7.60 -7.60 0.82
CA LEU A 119 6.69 -6.49 0.68
C LEU A 119 6.37 -6.26 -0.79
N PHE A 120 5.10 -6.03 -1.11
CA PHE A 120 4.73 -5.34 -2.37
C PHE A 120 4.00 -4.07 -1.96
N CYS A 121 4.46 -2.94 -2.50
CA CYS A 121 3.90 -1.66 -2.12
C CYS A 121 3.65 -0.78 -3.34
N GLN A 122 2.66 0.09 -3.18
CA GLN A 122 2.14 1.00 -4.20
C GLN A 122 1.54 2.21 -3.46
N ASP A 123 1.71 3.43 -3.99
N ASP A 123 1.74 3.41 -4.01
CA ASP A 123 1.09 4.64 -3.42
CA ASP A 123 1.24 4.64 -3.42
C ASP A 123 1.55 4.71 -1.95
C ASP A 123 1.59 4.71 -1.93
N TRP A 124 0.65 5.07 -1.05
CA TRP A 124 0.94 5.18 0.37
C TRP A 124 1.31 3.84 0.98
N GLY A 125 0.99 2.72 0.33
CA GLY A 125 1.51 1.47 0.81
C GLY A 125 3.04 1.45 0.81
N GLY A 126 3.67 2.19 -0.10
CA GLY A 126 5.12 2.38 -0.10
C GLY A 126 5.61 3.49 0.80
N LEU A 127 4.91 4.62 0.89
CA LEU A 127 5.31 5.64 1.84
C LEU A 127 5.35 5.03 3.25
N ILE A 128 4.40 4.17 3.57
CA ILE A 128 4.37 3.49 4.86
C ILE A 128 5.32 2.28 4.85
N GLY A 129 5.18 1.43 3.83
CA GLY A 129 5.92 0.18 3.81
C GLY A 129 7.44 0.37 3.76
N LEU A 130 7.93 1.34 3.00
CA LEU A 130 9.38 1.56 2.94
C LEU A 130 9.92 2.08 4.27
N ARG A 131 9.11 2.84 5.01
CA ARG A 131 9.46 3.19 6.39
C ARG A 131 9.57 1.93 7.25
N LEU A 132 8.60 1.03 7.11
CA LEU A 132 8.65 -0.22 7.87
C LEU A 132 9.87 -1.06 7.53
N VAL A 133 10.26 -1.10 6.26
CA VAL A 133 11.47 -1.83 5.87
C VAL A 133 12.70 -1.21 6.53
N ALA A 134 12.83 0.11 6.44
CA ALA A 134 13.95 0.79 7.04
C ALA A 134 14.03 0.56 8.55
N GLU A 135 12.87 0.53 9.20
CA GLU A 135 12.80 0.49 10.65
C GLU A 135 12.73 -0.93 11.22
N ASN A 136 12.56 -1.93 10.35
CA ASN A 136 12.48 -3.34 10.74
C ASN A 136 13.30 -4.24 9.81
N PRO A 137 14.60 -3.97 9.66
CA PRO A 137 15.47 -4.74 8.78
C PRO A 137 15.32 -6.23 8.94
N ASP A 138 15.18 -6.66 10.19
CA ASP A 138 15.16 -8.09 10.43
C ASP A 138 13.86 -8.79 10.16
N ARG A 139 12.80 -8.05 9.87
CA ARG A 139 11.53 -8.66 9.52
C ARG A 139 11.35 -8.86 8.03
N PHE A 140 12.09 -8.14 7.18
CA PHE A 140 11.84 -8.18 5.73
C PHE A 140 12.94 -8.94 5.00
N ALA A 141 12.50 -9.79 4.08
CA ALA A 141 13.39 -10.54 3.19
C ALA A 141 13.59 -9.90 1.84
N ARG A 142 12.54 -9.28 1.29
CA ARG A 142 12.58 -8.79 -0.08
C ARG A 142 11.57 -7.64 -0.21
N VAL A 143 11.79 -6.77 -1.18
CA VAL A 143 10.84 -5.69 -1.47
C VAL A 143 10.58 -5.59 -2.97
N ALA A 144 9.31 -5.41 -3.32
CA ALA A 144 8.86 -5.05 -4.66
C ALA A 144 8.07 -3.74 -4.54
N ALA A 145 8.42 -2.77 -5.39
CA ALA A 145 7.78 -1.46 -5.34
C ALA A 145 7.26 -1.13 -6.72
N GLY A 146 6.00 -0.73 -6.79
CA GLY A 146 5.43 -0.28 -8.07
C GLY A 146 4.55 0.94 -7.85
N ASN A 147 4.83 2.00 -8.60
CA ASN A 147 4.01 3.19 -8.58
C ASN A 147 3.90 3.73 -7.16
N THR A 148 5.05 4.06 -6.57
CA THR A 148 5.15 4.58 -5.24
C THR A 148 6.32 5.54 -5.17
N MET A 149 6.53 6.14 -4.00
N MET A 149 6.62 6.03 -3.98
CA MET A 149 7.52 7.17 -3.78
CA MET A 149 7.69 6.96 -3.74
C MET A 149 7.81 7.19 -2.28
C MET A 149 7.90 7.07 -2.25
N LEU A 150 8.94 7.80 -1.89
CA LEU A 150 9.26 8.04 -0.49
C LEU A 150 9.81 9.45 -0.38
N PRO A 151 8.96 10.45 -0.49
CA PRO A 151 9.46 11.84 -0.54
C PRO A 151 9.91 12.29 0.82
N THR A 152 11.02 13.03 0.86
CA THR A 152 11.48 13.66 2.09
C THR A 152 10.95 15.09 2.26
N GLY A 153 10.40 15.66 1.18
CA GLY A 153 10.03 17.05 1.16
C GLY A 153 11.16 17.98 0.75
N ASP A 154 12.36 17.44 0.50
CA ASP A 154 13.47 18.25 0.07
C ASP A 154 13.44 18.61 -1.40
N HIS A 155 12.56 17.97 -2.16
CA HIS A 155 12.46 18.17 -3.60
C HIS A 155 11.02 18.34 -4.07
N ASP A 156 10.87 19.02 -5.21
CA ASP A 156 9.58 19.11 -5.97
C ASP A 156 9.08 17.75 -6.35
N LEU A 157 7.78 17.49 -6.10
CA LEU A 157 7.18 16.20 -6.40
C LEU A 157 6.64 16.03 -7.79
N GLY A 158 6.60 17.11 -8.56
CA GLY A 158 6.29 17.01 -9.94
C GLY A 158 4.86 17.29 -10.32
N GLU A 159 4.67 17.39 -11.64
CA GLU A 159 3.44 17.84 -12.22
C GLU A 159 2.25 16.98 -11.79
N GLY A 160 2.39 15.68 -11.98
CA GLY A 160 1.26 14.80 -11.70
C GLY A 160 0.80 14.83 -10.25
N PHE A 161 1.75 14.72 -9.33
CA PHE A 161 1.36 14.77 -7.93
C PHE A 161 0.74 16.12 -7.56
N ARG A 162 1.34 17.21 -8.02
CA ARG A 162 0.82 18.50 -7.65
C ARG A 162 -0.63 18.66 -8.12
N LYS A 163 -0.92 18.19 -9.33
CA LYS A 163 -2.28 18.27 -9.85
C LYS A 163 -3.24 17.46 -8.98
N TRP A 164 -2.85 16.25 -8.60
CA TRP A 164 -3.66 15.42 -7.75
C TRP A 164 -3.89 16.08 -6.40
N GLN A 165 -2.83 16.57 -5.77
CA GLN A 165 -2.99 17.12 -4.43
C GLN A 165 -3.98 18.26 -4.48
N GLN A 166 -3.86 19.16 -5.47
CA GLN A 166 -4.77 20.29 -5.59
C GLN A 166 -6.23 19.80 -5.82
N PHE A 167 -6.43 18.90 -6.76
CA PHE A 167 -7.79 18.41 -7.09
C PHE A 167 -8.44 17.77 -5.87
N SER A 168 -7.69 16.95 -5.14
CA SER A 168 -8.21 16.14 -4.04
C SER A 168 -8.78 17.00 -2.92
N GLN A 169 -8.22 18.21 -2.77
CA GLN A 169 -8.67 19.09 -1.73
C GLN A 169 -9.74 20.09 -2.21
N GLU A 170 -9.76 20.42 -3.50
CA GLU A 170 -10.73 21.38 -4.01
C GLU A 170 -12.12 20.83 -4.16
N ILE A 171 -12.27 19.55 -4.42
CA ILE A 171 -13.59 18.99 -4.75
C ILE A 171 -14.55 19.07 -3.57
N PRO A 172 -15.84 19.35 -3.86
CA PRO A 172 -16.80 19.45 -2.79
C PRO A 172 -16.97 18.16 -1.99
N GLN A 173 -17.30 17.08 -2.69
N GLN A 173 -17.23 17.07 -2.71
CA GLN A 173 -17.31 15.71 -2.14
CA GLN A 173 -17.30 15.72 -2.14
C GLN A 173 -16.16 14.94 -2.75
C GLN A 173 -16.23 14.86 -2.78
N PHE A 174 -15.60 14.01 -1.96
CA PHE A 174 -14.53 13.16 -2.40
C PHE A 174 -15.10 11.92 -3.05
N HIS A 175 -14.91 11.75 -4.35
CA HIS A 175 -15.48 10.60 -5.07
C HIS A 175 -14.41 9.53 -5.18
N VAL A 176 -14.49 8.55 -4.29
CA VAL A 176 -13.46 7.51 -4.21
C VAL A 176 -13.44 6.73 -5.54
N GLY A 177 -14.58 6.27 -6.01
CA GLY A 177 -14.64 5.57 -7.29
C GLY A 177 -14.13 6.40 -8.43
N GLY A 178 -14.44 7.71 -8.40
CA GLY A 178 -13.90 8.61 -9.40
C GLY A 178 -12.40 8.62 -9.44
N THR A 179 -11.79 8.65 -8.26
CA THR A 179 -10.33 8.63 -8.17
C THR A 179 -9.77 7.33 -8.73
N ILE A 180 -10.40 6.20 -8.45
CA ILE A 180 -9.92 4.93 -8.99
C ILE A 180 -10.05 4.93 -10.53
N LYS A 181 -11.19 5.42 -11.05
CA LYS A 181 -11.30 5.52 -12.51
C LYS A 181 -10.20 6.40 -13.09
N SER A 182 -9.93 7.55 -12.48
N SER A 182 -9.95 7.55 -12.45
N SER A 182 -9.95 7.56 -12.48
CA SER A 182 -8.93 8.46 -13.06
CA SER A 182 -8.96 8.47 -12.97
CA SER A 182 -8.91 8.46 -12.97
C SER A 182 -7.48 7.96 -12.88
C SER A 182 -7.55 7.86 -12.97
C SER A 182 -7.55 7.78 -13.04
N GLY A 183 -7.28 6.94 -12.03
CA GLY A 183 -5.97 6.30 -11.87
C GLY A 183 -5.85 4.92 -12.46
N THR A 184 -6.76 4.54 -13.37
CA THR A 184 -6.68 3.29 -14.09
C THR A 184 -6.77 3.58 -15.58
N VAL A 185 -6.40 2.59 -16.38
CA VAL A 185 -6.47 2.68 -17.84
C VAL A 185 -7.45 1.64 -18.40
N THR A 186 -8.28 1.07 -17.56
CA THR A 186 -9.30 0.09 -17.89
CA THR A 186 -9.29 0.20 -18.03
C THR A 186 -10.66 0.71 -17.62
N LYS A 187 -11.63 0.42 -18.47
CA LYS A 187 -13.04 0.80 -18.24
C LYS A 187 -13.62 -0.12 -17.19
N LEU A 188 -13.46 0.29 -15.94
CA LEU A 188 -13.90 -0.52 -14.81
C LEU A 188 -15.39 -0.71 -14.86
N SER A 189 -15.83 -1.89 -14.48
CA SER A 189 -17.25 -2.13 -14.31
C SER A 189 -17.82 -1.30 -13.15
N GLN A 190 -19.11 -0.97 -13.24
CA GLN A 190 -19.69 -0.24 -12.15
C GLN A 190 -19.68 -1.04 -10.84
N ALA A 191 -19.80 -2.37 -10.89
CA ALA A 191 -19.78 -3.15 -9.65
C ALA A 191 -18.39 -3.09 -8.99
N VAL A 192 -17.32 -3.05 -9.79
CA VAL A 192 -15.99 -2.87 -9.24
C VAL A 192 -15.84 -1.47 -8.64
N ILE A 193 -16.30 -0.45 -9.35
CA ILE A 193 -16.26 0.89 -8.79
C ILE A 193 -17.03 0.96 -7.47
N ASP A 194 -18.21 0.33 -7.45
CA ASP A 194 -19.01 0.29 -6.24
C ASP A 194 -18.25 -0.38 -5.08
N ALA A 195 -17.42 -1.37 -5.37
CA ALA A 195 -16.62 -1.99 -4.33
C ALA A 195 -15.58 -1.04 -3.73
N TYR A 196 -15.05 -0.13 -4.54
CA TYR A 196 -14.16 0.91 -4.02
C TYR A 196 -14.92 1.95 -3.19
N ASN A 197 -16.20 2.17 -3.49
CA ASN A 197 -17.04 3.07 -2.69
C ASN A 197 -17.62 2.38 -1.45
N ALA A 198 -17.61 1.04 -1.41
CA ALA A 198 -18.24 0.30 -0.34
C ALA A 198 -17.84 0.75 1.06
N PRO A 199 -16.55 1.07 1.32
CA PRO A 199 -16.19 1.48 2.69
C PRO A 199 -16.82 2.79 3.18
N PHE A 200 -17.43 3.57 2.28
CA PHE A 200 -17.74 4.96 2.52
C PHE A 200 -19.21 5.27 2.27
N PRO A 201 -20.10 4.91 3.22
CA PRO A 201 -21.54 5.19 3.01
C PRO A 201 -21.86 6.66 2.75
N ASP A 202 -21.13 7.56 3.38
CA ASP A 202 -21.33 8.98 3.19
C ASP A 202 -20.05 9.71 3.49
N GLU A 203 -20.07 11.02 3.38
CA GLU A 203 -18.83 11.81 3.50
CA GLU A 203 -18.85 11.79 3.46
C GLU A 203 -18.16 11.68 4.84
N SER A 204 -18.93 11.41 5.90
CA SER A 204 -18.37 11.35 7.23
C SER A 204 -17.31 10.25 7.39
N TYR A 205 -17.34 9.23 6.51
CA TYR A 205 -16.40 8.13 6.54
C TYR A 205 -15.12 8.39 5.77
N LYS A 206 -15.01 9.54 5.10
CA LYS A 206 -13.95 9.79 4.10
C LYS A 206 -12.85 10.71 4.62
N GLU A 207 -12.76 10.95 5.93
CA GLU A 207 -11.80 11.93 6.39
C GLU A 207 -10.35 11.47 6.20
N GLY A 208 -10.10 10.15 6.29
CA GLY A 208 -8.77 9.64 6.00
C GLY A 208 -8.40 9.78 4.53
N ALA A 209 -9.38 9.53 3.66
CA ALA A 209 -9.19 9.71 2.22
C ALA A 209 -8.91 11.18 1.90
N ARG A 210 -9.59 12.09 2.58
N ARG A 210 -9.62 12.09 2.60
CA ARG A 210 -9.39 13.49 2.28
CA ARG A 210 -9.39 13.54 2.46
C ARG A 210 -8.03 13.99 2.86
C ARG A 210 -7.98 13.92 2.82
N GLN A 211 -7.56 13.45 3.99
CA GLN A 211 -6.30 13.93 4.56
C GLN A 211 -5.08 13.41 3.85
N PHE A 212 -5.13 12.22 3.27
CA PHE A 212 -3.90 11.58 2.82
C PHE A 212 -3.02 12.48 1.94
N PRO A 213 -3.57 13.17 0.93
CA PRO A 213 -2.70 13.91 0.04
C PRO A 213 -1.93 15.02 0.74
N LEU A 214 -2.49 15.55 1.81
CA LEU A 214 -1.81 16.59 2.60
C LEU A 214 -0.67 16.05 3.43
N LEU A 215 -0.65 14.73 3.66
CA LEU A 215 0.40 14.12 4.47
C LEU A 215 1.67 13.80 3.70
N VAL A 216 1.63 13.91 2.37
CA VAL A 216 2.81 13.61 1.56
C VAL A 216 3.83 14.73 1.81
N PRO A 217 5.05 14.39 2.27
CA PRO A 217 6.02 15.48 2.49
C PRO A 217 6.40 16.19 1.21
N SER A 218 6.19 17.51 1.21
CA SER A 218 6.51 18.32 0.06
C SER A 218 7.37 19.54 0.40
N THR A 219 7.71 19.67 1.67
CA THR A 219 8.55 20.71 2.22
C THR A 219 9.55 20.07 3.15
N PRO A 220 10.68 20.74 3.41
CA PRO A 220 11.73 20.12 4.24
C PRO A 220 11.46 20.14 5.75
N ASP A 221 10.41 20.87 6.13
CA ASP A 221 10.00 20.97 7.53
CA ASP A 221 9.98 21.02 7.50
C ASP A 221 8.78 20.10 7.83
N ASP A 222 8.44 19.18 6.95
CA ASP A 222 7.31 18.31 7.22
C ASP A 222 7.61 17.50 8.48
N PRO A 223 6.58 17.14 9.29
CA PRO A 223 6.82 16.27 10.43
C PRO A 223 7.41 14.91 10.09
N ALA A 224 7.28 14.46 8.84
CA ALA A 224 7.85 13.19 8.41
C ALA A 224 9.15 13.36 7.63
N SER A 225 9.62 14.59 7.36
CA SER A 225 10.78 14.75 6.48
C SER A 225 11.98 13.99 7.01
N GLU A 226 12.38 14.26 8.27
CA GLU A 226 13.59 13.64 8.81
C GLU A 226 13.45 12.12 8.91
N ASN A 227 12.29 11.63 9.33
CA ASN A 227 12.10 10.20 9.39
C ASN A 227 12.29 9.57 8.00
N ASN A 228 11.87 10.29 6.97
CA ASN A 228 12.05 9.77 5.59
C ASN A 228 13.50 9.91 5.12
N ARG A 229 14.22 10.97 5.53
CA ARG A 229 15.66 11.03 5.26
C ARG A 229 16.35 9.83 5.90
N ALA A 230 15.99 9.54 7.14
CA ALA A 230 16.61 8.43 7.84
C ALA A 230 16.28 7.11 7.13
N ALA A 231 15.05 6.97 6.66
CA ALA A 231 14.66 5.77 5.93
C ALA A 231 15.49 5.59 4.68
N TRP A 232 15.74 6.69 3.96
CA TRP A 232 16.59 6.60 2.77
C TRP A 232 18.03 6.19 3.12
N ILE A 233 18.56 6.65 4.26
N ILE A 233 18.58 6.64 4.22
CA ILE A 233 19.86 6.18 4.74
CA ILE A 233 19.91 6.17 4.56
C ILE A 233 19.85 4.68 4.87
C ILE A 233 19.87 4.66 4.89
N GLU A 234 18.82 4.16 5.53
CA GLU A 234 18.71 2.71 5.69
C GLU A 234 18.56 2.01 4.36
N LEU A 235 17.76 2.56 3.45
CA LEU A 235 17.57 1.92 2.16
C LEU A 235 18.85 1.92 1.33
N SER A 236 19.71 2.91 1.56
CA SER A 236 20.99 2.95 0.87
C SER A 236 21.93 1.82 1.33
N LYS A 237 21.58 1.12 2.41
CA LYS A 237 22.29 -0.05 2.97
C LYS A 237 21.49 -1.32 2.77
N TRP A 238 20.36 -1.28 2.06
CA TRP A 238 19.52 -2.47 1.88
C TRP A 238 20.10 -3.28 0.74
N THR A 239 20.70 -4.41 1.07
CA THR A 239 21.38 -5.28 0.14
C THR A 239 20.55 -6.50 -0.25
N LYS A 240 19.44 -6.73 0.42
CA LYS A 240 18.52 -7.80 0.11
C LYS A 240 17.74 -7.45 -1.18
N PRO A 241 17.06 -8.43 -1.76
CA PRO A 241 16.45 -8.18 -3.07
C PRO A 241 15.45 -7.04 -3.05
N PHE A 242 15.51 -6.18 -4.06
CA PHE A 242 14.59 -5.05 -4.23
C PHE A 242 14.33 -4.94 -5.72
N ILE A 243 13.08 -5.10 -6.12
CA ILE A 243 12.70 -5.02 -7.54
C ILE A 243 11.72 -3.88 -7.73
N THR A 244 11.82 -3.18 -8.87
CA THR A 244 10.83 -2.20 -9.23
C THR A 244 9.94 -2.73 -10.35
N LEU A 245 8.64 -2.48 -10.16
CA LEU A 245 7.56 -2.93 -11.05
C LEU A 245 6.59 -1.78 -11.29
N PHE A 246 7.15 -0.62 -11.62
CA PHE A 246 6.32 0.55 -11.97
C PHE A 246 5.65 0.31 -13.32
N SER A 247 4.52 1.01 -13.54
CA SER A 247 3.79 0.86 -14.80
C SER A 247 4.07 2.01 -15.75
N ASP A 248 3.50 1.86 -16.96
CA ASP A 248 3.74 2.80 -18.05
C ASP A 248 2.86 4.04 -18.07
N SER A 249 1.76 4.08 -17.31
CA SER A 249 0.73 5.11 -17.50
C SER A 249 0.37 5.80 -16.18
N ASP A 250 1.37 6.14 -15.39
CA ASP A 250 1.17 6.83 -14.12
C ASP A 250 2.09 8.03 -13.97
N PRO A 251 1.65 9.22 -14.41
CA PRO A 251 2.51 10.41 -14.28
C PRO A 251 2.83 10.82 -12.86
N VAL A 252 2.04 10.42 -11.88
CA VAL A 252 2.29 10.84 -10.52
C VAL A 252 3.60 10.26 -10.03
N THR A 253 3.91 9.03 -10.42
CA THR A 253 5.10 8.35 -9.94
C THR A 253 6.13 8.02 -11.05
N ALA A 254 5.90 8.45 -12.28
CA ALA A 254 6.74 8.07 -13.43
C ALA A 254 8.21 8.39 -13.19
N GLY A 255 9.04 7.42 -13.53
CA GLY A 255 10.45 7.52 -13.38
C GLY A 255 10.93 7.34 -11.96
N GLY A 256 10.03 7.07 -11.01
CA GLY A 256 10.41 6.99 -9.63
C GLY A 256 11.21 5.72 -9.26
N ASP A 257 11.14 4.75 -10.14
CA ASP A 257 11.93 3.56 -10.04
C ASP A 257 13.42 3.79 -10.25
N ARG A 258 13.78 4.81 -11.02
CA ARG A 258 15.19 5.05 -11.33
C ARG A 258 15.94 5.44 -10.09
N ILE A 259 15.38 6.25 -9.20
CA ILE A 259 16.11 6.66 -8.00
C ILE A 259 16.27 5.49 -7.06
N MET A 260 15.27 4.60 -7.02
CA MET A 260 15.42 3.38 -6.22
C MET A 260 16.59 2.52 -6.73
N GLN A 261 16.65 2.33 -8.05
CA GLN A 261 17.75 1.57 -8.67
C GLN A 261 19.10 2.21 -8.44
N LYS A 262 19.16 3.54 -8.43
CA LYS A 262 20.41 4.25 -8.22
CA LYS A 262 20.46 4.19 -8.22
C LYS A 262 20.93 4.06 -6.80
N ILE A 263 20.02 4.22 -5.83
CA ILE A 263 20.42 4.33 -4.43
C ILE A 263 20.50 2.99 -3.70
N ILE A 264 19.62 2.05 -4.01
CA ILE A 264 19.41 0.89 -3.15
C ILE A 264 20.29 -0.25 -3.67
N PRO A 265 21.29 -0.70 -2.90
CA PRO A 265 22.21 -1.73 -3.45
C PRO A 265 21.53 -3.03 -3.89
N GLY A 266 20.49 -3.44 -3.17
CA GLY A 266 19.81 -4.68 -3.47
C GLY A 266 18.99 -4.67 -4.74
N THR A 267 18.84 -3.51 -5.38
CA THR A 267 18.27 -3.49 -6.72
C THR A 267 19.23 -4.03 -7.78
N LYS A 268 20.53 -4.04 -7.51
N LYS A 268 20.53 -4.02 -7.52
CA LYS A 268 21.52 -4.50 -8.49
CA LYS A 268 21.46 -4.47 -8.55
C LYS A 268 21.46 -5.98 -8.70
C LYS A 268 21.25 -5.96 -8.69
N GLY A 269 21.08 -6.39 -9.92
CA GLY A 269 20.85 -7.79 -10.20
C GLY A 269 19.42 -8.22 -10.35
N GLN A 270 18.48 -7.35 -10.01
CA GLN A 270 17.08 -7.73 -10.10
C GLN A 270 16.49 -7.34 -11.45
N ALA A 271 15.54 -8.14 -11.91
CA ALA A 271 14.95 -7.98 -13.23
C ALA A 271 13.79 -6.97 -13.21
N HIS A 272 14.13 -5.71 -12.96
CA HIS A 272 13.14 -4.63 -12.94
C HIS A 272 12.41 -4.61 -14.27
N THR A 273 11.16 -4.17 -14.28
N THR A 273 11.13 -4.25 -14.20
CA THR A 273 10.49 -4.00 -15.56
CA THR A 273 10.32 -4.15 -15.40
C THR A 273 9.41 -2.95 -15.41
C THR A 273 9.42 -2.91 -15.38
N THR A 274 8.90 -2.54 -16.55
CA THR A 274 7.83 -1.58 -16.63
C THR A 274 6.58 -2.33 -17.05
N ILE A 275 5.54 -2.27 -16.23
CA ILE A 275 4.29 -2.96 -16.47
C ILE A 275 3.51 -2.19 -17.55
N ALA A 276 3.31 -2.83 -18.69
CA ALA A 276 2.56 -2.19 -19.77
C ALA A 276 1.07 -2.15 -19.47
N ASN A 277 0.40 -1.15 -20.06
CA ASN A 277 -1.05 -1.02 -19.98
C ASN A 277 -1.56 -0.96 -18.54
N GLY A 278 -0.86 -0.15 -17.71
CA GLY A 278 -1.20 -0.04 -16.31
C GLY A 278 -1.15 1.41 -15.83
N GLY A 279 -2.24 1.83 -15.20
CA GLY A 279 -2.28 3.13 -14.58
C GLY A 279 -1.69 3.13 -13.18
N HIS A 280 -1.93 4.22 -12.47
CA HIS A 280 -1.49 4.36 -11.08
C HIS A 280 -1.87 3.12 -10.25
N PHE A 281 -3.13 2.72 -10.31
CA PHE A 281 -3.59 1.55 -9.57
C PHE A 281 -3.33 0.31 -10.43
N LEU A 282 -2.06 -0.02 -10.58
CA LEU A 282 -1.65 -1.05 -11.53
C LEU A 282 -2.15 -2.42 -11.12
N GLN A 283 -2.48 -2.62 -9.84
CA GLN A 283 -3.00 -3.91 -9.41
C GLN A 283 -4.40 -4.16 -9.96
N GLU A 284 -5.12 -3.09 -10.23
CA GLU A 284 -6.46 -3.16 -10.81
C GLU A 284 -6.38 -3.41 -12.31
N ASP A 285 -5.54 -2.67 -13.02
CA ASP A 285 -5.39 -2.86 -14.46
C ASP A 285 -4.68 -4.16 -14.81
N GLN A 286 -3.67 -4.52 -14.01
CA GLN A 286 -2.69 -5.52 -14.38
C GLN A 286 -2.36 -6.46 -13.23
N GLY A 287 -3.36 -6.78 -12.40
CA GLY A 287 -3.06 -7.59 -11.21
C GLY A 287 -2.45 -8.95 -11.51
N GLU A 288 -2.95 -9.63 -12.53
CA GLU A 288 -2.42 -10.95 -12.81
C GLU A 288 -0.96 -10.90 -13.19
N LYS A 289 -0.64 -9.96 -14.08
N LYS A 289 -0.59 -9.97 -14.08
CA LYS A 289 0.71 -9.80 -14.55
CA LYS A 289 0.79 -9.90 -14.49
C LYS A 289 1.65 -9.48 -13.38
C LYS A 289 1.70 -9.48 -13.34
N VAL A 290 1.26 -8.53 -12.52
CA VAL A 290 2.06 -8.10 -11.41
C VAL A 290 2.27 -9.27 -10.43
N ALA A 291 1.19 -10.01 -10.14
CA ALA A 291 1.33 -11.14 -9.23
C ALA A 291 2.24 -12.21 -9.77
N LYS A 292 2.15 -12.51 -11.08
CA LYS A 292 3.07 -13.47 -11.67
C LYS A 292 4.51 -13.03 -11.56
N LEU A 293 4.79 -11.74 -11.73
CA LEU A 293 6.12 -11.24 -11.58
C LEU A 293 6.60 -11.28 -10.15
N LEU A 294 5.70 -11.09 -9.20
CA LEU A 294 6.06 -11.16 -7.80
CA LEU A 294 6.05 -11.23 -7.74
C LEU A 294 6.37 -12.63 -7.40
N VAL A 295 5.56 -13.59 -7.89
CA VAL A 295 5.86 -14.99 -7.69
C VAL A 295 7.27 -15.30 -8.25
N GLN A 296 7.52 -14.87 -9.47
CA GLN A 296 8.79 -15.12 -10.09
CA GLN A 296 8.81 -15.12 -10.10
C GLN A 296 9.96 -14.48 -9.30
N PHE A 297 9.76 -13.25 -8.82
CA PHE A 297 10.74 -12.55 -8.00
C PHE A 297 11.12 -13.34 -6.76
N ILE A 298 10.14 -13.88 -6.07
CA ILE A 298 10.42 -14.68 -4.89
C ILE A 298 11.17 -15.96 -5.27
N HIS A 299 10.72 -16.59 -6.34
CA HIS A 299 11.39 -17.81 -6.83
C HIS A 299 12.85 -17.60 -7.23
N ASP A 300 13.13 -16.45 -7.84
CA ASP A 300 14.47 -16.09 -8.29
C ASP A 300 15.37 -15.69 -7.14
N ASN A 301 14.84 -15.56 -5.92
CA ASN A 301 15.58 -15.05 -4.78
C ASN A 301 15.29 -15.89 -3.57
N PRO A 302 15.68 -17.17 -3.60
CA PRO A 302 15.39 -18.06 -2.48
C PRO A 302 16.00 -17.57 -1.19
N ARG A 303 15.26 -17.87 -0.11
CA ARG A 303 15.72 -17.71 1.26
C ARG A 303 16.09 -19.10 1.72
N HIS A 304 17.37 -19.35 1.97
CA HIS A 304 17.82 -20.66 2.45
C HIS A 304 17.64 -20.74 3.95
N HIS A 305 16.99 -21.80 4.41
CA HIS A 305 16.68 -21.91 5.83
C HIS A 305 16.35 -23.33 6.27
N HIS A 306 16.46 -23.55 7.57
CA HIS A 306 16.00 -24.81 8.18
C HIS A 306 14.48 -24.80 8.37
N HIS A 307 13.90 -25.98 8.55
N HIS A 307 13.92 -25.98 8.59
CA HIS A 307 12.46 -26.09 8.87
CA HIS A 307 12.49 -26.10 8.90
C HIS A 307 12.20 -25.34 10.17
C HIS A 307 12.22 -25.34 10.19
N HIS A 308 11.05 -24.69 10.25
CA HIS A 308 10.65 -23.85 11.38
C HIS A 308 11.39 -22.53 11.47
N HIS A 309 12.22 -22.19 10.48
CA HIS A 309 13.05 -20.98 10.51
C HIS A 309 13.04 -20.25 9.18
#